data_2YL6
#
_entry.id   2YL6
#
_cell.length_a   78.286
_cell.length_b   108.999
_cell.length_c   112.433
_cell.angle_alpha   90.00
_cell.angle_beta   90.00
_cell.angle_gamma   90.00
#
_symmetry.space_group_name_H-M   'I 2 2 2'
#
loop_
_entity.id
_entity.type
_entity.pdbx_description
1 polymer BETA-N-ACETYLHEXOSAMINIDASE
2 non-polymer 'MAGNESIUM ION'
3 non-polymer 1,2-ETHANEDIOL
4 non-polymer 2-{2-[2-2-(METHOXY-ETHOXY)-ETHOXY]-ETHOXY}-ETHANOL
5 water water
#
_entity_poly.entity_id   1
_entity_poly.type   'polypeptide(L)'
_entity_poly.pdbx_seq_one_letter_code
;NEKLAKKKIVSIDAGRKYFSPEQLKEIIDKAKHYGYTDLHLLVGNDGLRFMLDDMSITANGKTYASDDVKRAIEKGTNDY
YNDPNGNHLTESQMTDLINYAKDKGIGLIPTVNSPGHMDAILNAMKELGIQNPNFSYFGKKSARTVDLDNEQAVAFTKAL
IDKYAAYFAKKTEIFNIGLDEYANDATDAKGWSVLQADKYYPNEGYPVKGYEKFIAYANDLARIVKSHGLKPMAFNDGIY
YNSDTSFGSFDKDIIVSMWTGGWGGYDVASSKLLAEKGHQILNTNDAWYYVLGRNADGQGWYNLDQGLNGIKNTPITSVP
KTEGADIPIIGGMVAAWADTPSARYSPSRLFKLMRHFANANAEYFAADYESAEQALNEVPKDLNRYTAESVTAVKEAEKA
IRSLDSNLSRAQQDTIDQAIAKLQETVNNLTLTP
;
_entity_poly.pdbx_strand_id   A
#
# COMPACT_ATOMS: atom_id res chain seq x y z
N ASN A 1 -2.15 -18.15 16.23
CA ASN A 1 -3.31 -17.22 16.00
C ASN A 1 -2.92 -15.74 15.81
N GLU A 2 -2.08 -15.21 16.68
CA GLU A 2 -1.65 -13.80 16.62
C GLU A 2 -0.83 -13.47 15.37
N LYS A 3 -0.02 -14.43 14.92
N LYS A 3 -0.02 -14.43 14.92
CA LYS A 3 0.79 -14.22 13.72
CA LYS A 3 0.80 -14.24 13.73
C LYS A 3 -0.05 -14.23 12.44
C LYS A 3 -0.05 -14.23 12.45
N LEU A 4 -0.88 -15.26 12.27
CA LEU A 4 -1.76 -15.35 11.10
C LEU A 4 -2.78 -14.22 11.01
N ALA A 5 -3.19 -13.69 12.15
CA ALA A 5 -4.16 -12.60 12.20
C ALA A 5 -3.60 -11.26 11.69
N LYS A 6 -2.27 -11.16 11.60
CA LYS A 6 -1.65 -9.92 11.09
C LYS A 6 -2.02 -9.68 9.63
N LYS A 7 -2.04 -8.40 9.21
CA LYS A 7 -2.13 -8.06 7.79
C LYS A 7 -0.79 -8.32 7.13
N LYS A 8 -0.80 -8.91 5.95
CA LYS A 8 0.42 -9.02 5.14
C LYS A 8 0.07 -8.37 3.81
N ILE A 9 0.83 -7.33 3.46
CA ILE A 9 0.41 -6.42 2.41
C ILE A 9 1.51 -6.27 1.37
N VAL A 10 1.11 -6.25 0.11
CA VAL A 10 2.04 -5.86 -0.97
C VAL A 10 1.60 -4.50 -1.48
N SER A 11 2.55 -3.58 -1.57
CA SER A 11 2.27 -2.23 -2.02
C SER A 11 2.80 -2.02 -3.44
N ILE A 12 1.96 -1.42 -4.28
CA ILE A 12 2.31 -1.15 -5.67
C ILE A 12 2.14 0.35 -5.97
N ASP A 13 3.21 0.98 -6.47
CA ASP A 13 3.23 2.38 -6.88
C ASP A 13 2.61 2.56 -8.26
N ALA A 14 1.28 2.56 -8.33
CA ALA A 14 0.55 2.85 -9.55
C ALA A 14 0.14 4.34 -9.62
N GLY A 15 0.90 5.18 -8.93
CA GLY A 15 0.77 6.63 -9.03
C GLY A 15 1.79 7.16 -10.04
N ARG A 16 3.05 6.79 -9.86
CA ARG A 16 4.10 7.23 -10.76
C ARG A 16 3.96 6.56 -12.13
N LYS A 17 3.52 5.29 -12.10
CA LYS A 17 3.56 4.44 -13.29
C LYS A 17 2.20 3.77 -13.48
N TYR A 18 1.79 3.64 -14.73
CA TYR A 18 0.53 2.93 -15.06
C TYR A 18 0.65 1.43 -14.88
N PHE A 19 -0.37 0.85 -14.23
CA PHE A 19 -0.55 -0.59 -14.15
C PHE A 19 -1.96 -0.86 -14.67
N SER A 20 -2.10 -1.86 -15.54
CA SER A 20 -3.41 -2.21 -16.09
C SER A 20 -4.25 -3.08 -15.12
N PRO A 21 -5.58 -3.13 -15.36
CA PRO A 21 -6.41 -4.04 -14.57
C PRO A 21 -5.90 -5.48 -14.61
N GLU A 22 -5.50 -5.96 -15.80
CA GLU A 22 -4.92 -7.29 -15.97
C GLU A 22 -3.67 -7.52 -15.11
N GLN A 23 -2.74 -6.56 -15.17
CA GLN A 23 -1.53 -6.61 -14.36
C GLN A 23 -1.85 -6.64 -12.86
N LEU A 24 -2.80 -5.82 -12.43
CA LEU A 24 -3.17 -5.75 -11.01
C LEU A 24 -3.88 -7.03 -10.54
N LYS A 25 -4.72 -7.60 -11.40
CA LYS A 25 -5.37 -8.88 -11.08
C LYS A 25 -4.36 -10.01 -10.89
N GLU A 26 -3.33 -10.02 -11.74
CA GLU A 26 -2.24 -10.97 -11.62
C GLU A 26 -1.49 -10.80 -10.30
N ILE A 27 -1.28 -9.55 -9.87
CA ILE A 27 -0.65 -9.28 -8.58
C ILE A 27 -1.53 -9.81 -7.44
N ILE A 28 -2.83 -9.54 -7.53
CA ILE A 28 -3.80 -10.03 -6.55
C ILE A 28 -3.78 -11.57 -6.46
N ASP A 29 -3.70 -12.23 -7.61
CA ASP A 29 -3.65 -13.70 -7.65
C ASP A 29 -2.44 -14.23 -6.88
N LYS A 30 -1.28 -13.64 -7.16
CA LYS A 30 -0.06 -13.98 -6.44
C LYS A 30 -0.15 -13.67 -4.96
N ALA A 31 -0.74 -12.51 -4.63
CA ALA A 31 -0.92 -12.14 -3.23
C ALA A 31 -1.73 -13.21 -2.50
N LYS A 32 -2.86 -13.58 -3.08
CA LYS A 32 -3.69 -14.65 -2.51
C LYS A 32 -2.88 -15.94 -2.34
N HIS A 33 -2.25 -16.39 -3.41
CA HIS A 33 -1.43 -17.60 -3.44
C HIS A 33 -0.36 -17.65 -2.35
N TYR A 34 0.36 -16.54 -2.16
CA TYR A 34 1.46 -16.50 -1.21
C TYR A 34 1.02 -16.21 0.23
N GLY A 35 -0.28 -16.01 0.46
CA GLY A 35 -0.82 -15.87 1.83
C GLY A 35 -0.97 -14.44 2.35
N TYR A 36 -0.99 -13.49 1.42
CA TYR A 36 -1.18 -12.06 1.76
C TYR A 36 -2.66 -11.77 2.07
N THR A 37 -2.93 -10.64 2.72
CA THR A 37 -4.29 -10.23 3.04
C THR A 37 -4.76 -9.01 2.23
N ASP A 38 -3.82 -8.20 1.76
CA ASP A 38 -4.17 -6.90 1.14
C ASP A 38 -3.23 -6.48 0.04
N LEU A 39 -3.79 -5.73 -0.90
CA LEU A 39 -3.04 -4.96 -1.88
C LEU A 39 -3.15 -3.47 -1.53
N HIS A 40 -1.99 -2.84 -1.34
CA HIS A 40 -1.90 -1.41 -1.07
C HIS A 40 -1.55 -0.77 -2.41
N LEU A 41 -2.55 -0.13 -3.03
CA LEU A 41 -2.41 0.43 -4.36
C LEU A 41 -2.30 1.95 -4.28
N LEU A 42 -1.09 2.49 -4.46
CA LEU A 42 -0.98 3.93 -4.60
C LEU A 42 -1.54 4.32 -5.97
N VAL A 43 -2.50 5.24 -6.00
CA VAL A 43 -3.00 5.78 -7.28
C VAL A 43 -2.65 7.25 -7.44
N GLY A 44 -2.45 7.94 -6.32
CA GLY A 44 -1.97 9.31 -6.30
C GLY A 44 -0.61 9.27 -5.61
N ASN A 45 0.45 9.39 -6.40
CA ASN A 45 1.82 9.37 -5.89
C ASN A 45 2.71 9.95 -6.99
N ASP A 46 2.94 11.26 -6.89
CA ASP A 46 3.47 12.11 -7.97
C ASP A 46 2.44 12.19 -9.12
N GLY A 47 2.30 11.11 -9.87
CA GLY A 47 1.22 11.04 -10.84
C GLY A 47 -0.10 10.71 -10.14
N LEU A 48 -1.22 10.96 -10.82
CA LEU A 48 -2.54 10.60 -10.32
C LEU A 48 -3.26 9.79 -11.40
N ARG A 49 -3.51 8.51 -11.12
CA ARG A 49 -3.88 7.54 -12.15
C ARG A 49 -5.15 6.79 -11.80
N PHE A 50 -6.14 7.55 -11.30
CA PHE A 50 -7.46 6.99 -11.04
C PHE A 50 -8.51 8.09 -11.18
N MET A 51 -9.45 7.87 -12.08
CA MET A 51 -10.45 8.88 -12.41
C MET A 51 -11.84 8.36 -12.05
N LEU A 52 -12.51 9.09 -11.17
CA LEU A 52 -13.92 8.83 -10.92
C LEU A 52 -14.78 9.27 -12.11
N ASP A 53 -15.96 8.66 -12.24
CA ASP A 53 -16.95 9.06 -13.24
C ASP A 53 -17.39 10.53 -13.06
N ASP A 54 -17.61 10.93 -11.82
CA ASP A 54 -17.85 12.34 -11.49
C ASP A 54 -16.64 12.90 -10.75
N MET A 55 -15.89 13.77 -11.42
CA MET A 55 -14.72 14.44 -10.83
C MET A 55 -14.96 15.91 -10.49
N SER A 56 -16.23 16.33 -10.46
CA SER A 56 -16.55 17.71 -10.10
C SER A 56 -16.14 17.99 -8.65
N ILE A 57 -15.52 19.13 -8.42
CA ILE A 57 -15.01 19.47 -7.10
C ILE A 57 -15.56 20.83 -6.68
N THR A 58 -16.17 20.86 -5.51
CA THR A 58 -16.67 22.11 -4.96
C THR A 58 -15.69 22.60 -3.89
N ALA A 59 -15.07 23.75 -4.17
CA ALA A 59 -14.16 24.43 -3.25
C ALA A 59 -14.01 25.87 -3.74
N ASN A 60 -13.52 26.74 -2.87
CA ASN A 60 -13.18 28.12 -3.25
C ASN A 60 -14.38 28.92 -3.78
N GLY A 61 -15.55 28.63 -3.20
CA GLY A 61 -16.79 29.34 -3.52
C GLY A 61 -17.35 29.00 -4.89
N LYS A 62 -16.91 27.88 -5.45
CA LYS A 62 -17.35 27.48 -6.79
C LYS A 62 -17.31 25.97 -6.93
N THR A 63 -17.69 25.50 -8.10
CA THR A 63 -17.49 24.11 -8.47
C THR A 63 -16.63 24.08 -9.73
N TYR A 64 -15.60 23.24 -9.69
CA TYR A 64 -14.79 22.95 -10.87
C TYR A 64 -15.44 21.77 -11.59
N ALA A 65 -15.79 21.98 -12.86
CA ALA A 65 -16.55 20.99 -13.64
C ALA A 65 -15.80 19.68 -13.76
N SER A 66 -16.54 18.58 -13.71
CA SER A 66 -16.00 17.23 -13.77
C SER A 66 -15.08 17.06 -14.98
N ASP A 67 -15.56 17.43 -16.17
CA ASP A 67 -14.77 17.24 -17.38
C ASP A 67 -13.49 18.09 -17.41
N ASP A 68 -13.56 19.28 -16.81
CA ASP A 68 -12.35 20.13 -16.69
C ASP A 68 -11.36 19.52 -15.69
N VAL A 69 -11.86 19.02 -14.57
CA VAL A 69 -11.01 18.37 -13.57
C VAL A 69 -10.33 17.14 -14.18
N LYS A 70 -11.11 16.34 -14.92
CA LYS A 70 -10.57 15.17 -15.61
C LYS A 70 -9.45 15.54 -16.57
N ARG A 71 -9.67 16.58 -17.37
N ARG A 71 -9.69 16.56 -17.40
CA ARG A 71 -8.69 16.99 -18.37
CA ARG A 71 -8.69 17.02 -18.36
C ARG A 71 -7.44 17.60 -17.71
C ARG A 71 -7.44 17.51 -17.65
N ALA A 72 -7.64 18.30 -16.60
CA ALA A 72 -6.55 18.85 -15.80
C ALA A 72 -5.70 17.75 -15.16
N ILE A 73 -6.36 16.73 -14.62
CA ILE A 73 -5.62 15.62 -13.99
C ILE A 73 -4.88 14.76 -15.03
N GLU A 74 -5.54 14.45 -16.15
N GLU A 74 -5.58 14.31 -16.08
CA GLU A 74 -4.87 13.75 -17.24
CA GLU A 74 -4.97 13.44 -17.10
C GLU A 74 -3.65 14.48 -17.79
C GLU A 74 -3.67 14.05 -17.56
N LYS A 75 -3.80 15.79 -18.03
N LYS A 75 -3.74 15.33 -17.93
CA LYS A 75 -2.66 16.61 -18.48
CA LYS A 75 -2.58 16.08 -18.41
C LYS A 75 -1.58 16.64 -17.41
C LYS A 75 -1.55 16.36 -17.33
N GLY A 76 -2.00 16.82 -16.16
CA GLY A 76 -1.09 16.99 -15.03
C GLY A 76 -0.23 15.76 -14.77
N THR A 77 -0.85 14.59 -14.87
CA THR A 77 -0.17 13.31 -14.74
C THR A 77 0.83 13.11 -15.90
N ASN A 78 0.39 13.38 -17.12
CA ASN A 78 1.27 13.32 -18.30
C ASN A 78 2.48 14.24 -18.22
N ASP A 79 2.30 15.39 -17.58
CA ASP A 79 3.39 16.32 -17.37
C ASP A 79 4.42 15.78 -16.40
N TYR A 80 3.96 14.97 -15.43
CA TYR A 80 4.87 14.23 -14.58
C TYR A 80 5.56 13.11 -15.37
N TYR A 81 4.76 12.22 -15.95
CA TYR A 81 5.24 11.12 -16.79
C TYR A 81 4.12 10.66 -17.70
N ASN A 82 4.34 10.81 -19.01
CA ASN A 82 3.39 10.36 -20.00
C ASN A 82 3.68 8.91 -20.34
N ASP A 83 3.01 8.02 -19.64
CA ASP A 83 3.25 6.58 -19.74
C ASP A 83 2.63 5.98 -21.02
N PRO A 84 3.48 5.41 -21.89
CA PRO A 84 2.93 4.82 -23.12
C PRO A 84 1.91 3.70 -22.88
N ASN A 85 1.96 3.08 -21.69
CA ASN A 85 1.06 1.96 -21.36
C ASN A 85 -0.35 2.38 -20.98
N GLY A 86 -0.52 3.64 -20.58
CA GLY A 86 -1.81 4.13 -20.10
C GLY A 86 -1.67 5.34 -19.21
N ASN A 87 -2.79 6.04 -19.01
CA ASN A 87 -2.81 7.21 -18.13
C ASN A 87 -3.45 6.93 -16.76
N HIS A 88 -4.64 6.33 -16.75
CA HIS A 88 -5.38 6.13 -15.50
C HIS A 88 -6.33 4.94 -15.53
N LEU A 89 -6.65 4.41 -14.36
CA LEU A 89 -7.75 3.46 -14.22
C LEU A 89 -9.06 4.24 -14.12
N THR A 90 -10.13 3.67 -14.67
CA THR A 90 -11.46 4.29 -14.60
C THR A 90 -12.18 3.76 -13.36
N GLU A 91 -13.31 4.38 -13.03
CA GLU A 91 -14.09 3.96 -11.89
C GLU A 91 -14.64 2.53 -12.06
N SER A 92 -15.12 2.22 -13.26
CA SER A 92 -15.55 0.85 -13.55
C SER A 92 -14.44 -0.17 -13.34
N GLN A 93 -13.24 0.17 -13.79
CA GLN A 93 -12.11 -0.75 -13.65
C GLN A 93 -11.75 -0.91 -12.17
N MET A 94 -11.74 0.20 -11.42
CA MET A 94 -11.44 0.11 -9.98
C MET A 94 -12.47 -0.73 -9.22
N THR A 95 -13.76 -0.51 -9.50
CA THR A 95 -14.82 -1.23 -8.82
C THR A 95 -14.71 -2.72 -9.11
N ASP A 96 -14.44 -3.05 -10.37
CA ASP A 96 -14.26 -4.44 -10.76
C ASP A 96 -13.02 -5.06 -10.07
N LEU A 97 -11.93 -4.28 -9.99
CA LEU A 97 -10.70 -4.75 -9.35
C LEU A 97 -10.91 -5.04 -7.86
N ILE A 98 -11.55 -4.11 -7.16
CA ILE A 98 -11.87 -4.31 -5.73
C ILE A 98 -12.77 -5.53 -5.49
N ASN A 99 -13.79 -5.70 -6.34
CA ASN A 99 -14.67 -6.87 -6.29
C ASN A 99 -13.88 -8.17 -6.53
N TYR A 100 -13.03 -8.15 -7.55
CA TYR A 100 -12.18 -9.28 -7.88
C TYR A 100 -11.30 -9.67 -6.70
N ALA A 101 -10.68 -8.67 -6.07
CA ALA A 101 -9.86 -8.89 -4.89
C ALA A 101 -10.70 -9.41 -3.72
N LYS A 102 -11.88 -8.81 -3.50
CA LYS A 102 -12.72 -9.21 -2.38
C LYS A 102 -13.17 -10.67 -2.49
N ASP A 103 -13.50 -11.11 -3.70
CA ASP A 103 -13.91 -12.50 -3.94
C ASP A 103 -12.80 -13.48 -3.59
N LYS A 104 -11.56 -13.00 -3.61
CA LYS A 104 -10.41 -13.83 -3.26
C LYS A 104 -9.94 -13.65 -1.81
N GLY A 105 -10.66 -12.86 -1.02
CA GLY A 105 -10.26 -12.57 0.36
C GLY A 105 -9.09 -11.60 0.46
N ILE A 106 -8.95 -10.74 -0.55
CA ILE A 106 -7.90 -9.73 -0.56
C ILE A 106 -8.53 -8.33 -0.45
N GLY A 107 -8.08 -7.56 0.53
CA GLY A 107 -8.53 -6.17 0.63
C GLY A 107 -7.70 -5.24 -0.24
N LEU A 108 -8.22 -4.06 -0.53
CA LEU A 108 -7.47 -3.07 -1.30
C LEU A 108 -7.40 -1.78 -0.50
N ILE A 109 -6.18 -1.25 -0.32
CA ILE A 109 -5.96 -0.01 0.40
C ILE A 109 -5.38 1.01 -0.58
N PRO A 110 -6.13 2.07 -0.90
CA PRO A 110 -5.61 3.08 -1.82
C PRO A 110 -4.75 4.13 -1.12
N THR A 111 -3.84 4.75 -1.86
CA THR A 111 -3.17 5.97 -1.44
C THR A 111 -3.45 7.07 -2.45
N VAL A 112 -3.80 8.26 -1.95
CA VAL A 112 -3.81 9.48 -2.76
C VAL A 112 -2.96 10.46 -1.94
N ASN A 113 -1.72 10.65 -2.37
CA ASN A 113 -0.72 11.34 -1.55
C ASN A 113 -0.87 12.85 -1.61
N SER A 114 -0.68 13.46 -0.44
CA SER A 114 -0.54 14.90 -0.24
C SER A 114 0.02 15.05 1.19
N PRO A 115 0.58 16.22 1.55
CA PRO A 115 0.77 17.42 0.74
C PRO A 115 2.04 17.39 -0.12
N GLY A 116 2.83 16.31 -0.01
CA GLY A 116 3.94 16.06 -0.93
C GLY A 116 3.52 15.04 -1.96
N HIS A 117 4.46 14.69 -2.86
CA HIS A 117 4.19 13.68 -3.89
C HIS A 117 2.83 13.88 -4.58
N MET A 118 2.55 15.13 -4.98
CA MET A 118 1.27 15.45 -5.60
C MET A 118 1.46 16.32 -6.84
N ASP A 119 2.57 16.08 -7.55
CA ASP A 119 2.88 16.77 -8.82
C ASP A 119 1.67 16.96 -9.72
N ALA A 120 0.94 15.87 -9.98
CA ALA A 120 -0.19 15.88 -10.91
C ALA A 120 -1.37 16.73 -10.43
N ILE A 121 -1.66 16.65 -9.14
CA ILE A 121 -2.72 17.46 -8.52
C ILE A 121 -2.36 18.95 -8.58
N LEU A 122 -1.09 19.28 -8.30
CA LEU A 122 -0.60 20.66 -8.40
C LEU A 122 -0.73 21.16 -9.83
N ASN A 123 -0.28 20.35 -10.79
CA ASN A 123 -0.42 20.65 -12.20
C ASN A 123 -1.91 20.85 -12.58
N ALA A 124 -2.76 19.95 -12.10
CA ALA A 124 -4.21 20.04 -12.38
C ALA A 124 -4.79 21.34 -11.82
N MET A 125 -4.43 21.68 -10.59
CA MET A 125 -4.86 22.96 -10.00
C MET A 125 -4.45 24.15 -10.86
N LYS A 126 -3.23 24.13 -11.37
CA LYS A 126 -2.78 25.19 -12.29
C LYS A 126 -3.57 25.23 -13.60
N GLU A 127 -3.90 24.06 -14.13
CA GLU A 127 -4.75 23.95 -15.31
C GLU A 127 -6.16 24.47 -15.06
N LEU A 128 -6.64 24.37 -13.83
CA LEU A 128 -7.96 24.89 -13.49
C LEU A 128 -7.96 26.42 -13.27
N GLY A 129 -6.77 26.96 -13.05
CA GLY A 129 -6.58 28.41 -12.84
C GLY A 129 -6.26 28.84 -11.43
N ILE A 130 -6.13 27.88 -10.52
CA ILE A 130 -5.73 28.16 -9.12
C ILE A 130 -4.29 28.68 -9.15
N GLN A 131 -4.05 29.79 -8.46
N GLN A 131 -4.05 29.82 -8.49
CA GLN A 131 -2.76 30.50 -8.51
CA GLN A 131 -2.74 30.48 -8.54
C GLN A 131 -1.75 29.97 -7.50
C GLN A 131 -1.76 29.95 -7.51
N ASN A 132 -0.50 29.83 -7.93
CA ASN A 132 0.65 29.52 -7.06
C ASN A 132 0.42 28.39 -6.02
N PRO A 133 -0.10 27.23 -6.46
CA PRO A 133 -0.29 26.14 -5.47
C PRO A 133 1.01 25.57 -4.87
N ASN A 134 2.10 25.60 -5.62
CA ASN A 134 3.35 24.95 -5.22
C ASN A 134 4.07 25.67 -4.07
N PHE A 135 4.54 24.88 -3.10
CA PHE A 135 5.43 25.38 -2.05
C PHE A 135 6.76 25.78 -2.68
N SER A 136 7.34 26.87 -2.18
N SER A 136 7.35 26.86 -2.17
N SER A 136 7.35 26.87 -2.19
CA SER A 136 8.67 27.30 -2.59
CA SER A 136 8.67 27.30 -2.62
CA SER A 136 8.68 27.28 -2.62
C SER A 136 9.59 27.46 -1.40
C SER A 136 9.61 27.56 -1.43
C SER A 136 9.60 27.53 -1.43
N TYR A 137 10.88 27.24 -1.62
CA TYR A 137 11.88 27.35 -0.56
C TYR A 137 13.00 28.28 -1.00
N PHE A 138 12.95 29.52 -0.51
CA PHE A 138 13.89 30.57 -0.91
C PHE A 138 14.08 30.60 -2.43
N GLY A 139 12.96 30.71 -3.15
CA GLY A 139 12.97 30.77 -4.61
C GLY A 139 13.07 29.45 -5.37
N LYS A 140 13.31 28.35 -4.66
CA LYS A 140 13.32 27.02 -5.27
C LYS A 140 11.94 26.38 -5.11
N LYS A 141 11.24 26.21 -6.24
CA LYS A 141 9.86 25.73 -6.20
C LYS A 141 9.83 24.21 -6.15
N SER A 142 8.99 23.66 -5.29
CA SER A 142 8.78 22.21 -5.28
C SER A 142 7.82 21.85 -6.41
N ALA A 143 8.17 20.83 -7.18
CA ALA A 143 7.26 20.31 -8.19
C ALA A 143 6.23 19.36 -7.58
N ARG A 144 6.47 18.95 -6.34
CA ARG A 144 5.72 17.84 -5.70
C ARG A 144 4.82 18.25 -4.55
N THR A 145 5.01 19.47 -4.04
CA THR A 145 4.46 19.82 -2.74
C THR A 145 3.62 21.10 -2.73
N VAL A 146 2.42 21.01 -2.17
CA VAL A 146 1.51 22.16 -2.02
C VAL A 146 1.93 23.12 -0.89
N ASP A 147 1.70 24.41 -1.12
CA ASP A 147 1.94 25.46 -0.12
C ASP A 147 0.76 25.51 0.85
N LEU A 148 1.02 25.19 2.13
CA LEU A 148 -0.06 25.10 3.14
C LEU A 148 -0.65 26.48 3.52
N ASP A 149 0.05 27.55 3.14
CA ASP A 149 -0.46 28.92 3.25
C ASP A 149 -1.44 29.29 2.12
N ASN A 150 -1.48 28.50 1.06
CA ASN A 150 -2.37 28.79 -0.05
C ASN A 150 -3.73 28.15 0.22
N GLU A 151 -4.68 28.96 0.70
N GLU A 151 -4.68 28.96 0.70
CA GLU A 151 -6.00 28.45 1.11
CA GLU A 151 -5.99 28.46 1.11
C GLU A 151 -6.77 27.80 -0.03
C GLU A 151 -6.76 27.80 -0.03
N GLN A 152 -6.65 28.37 -1.23
CA GLN A 152 -7.37 27.88 -2.41
C GLN A 152 -6.82 26.53 -2.89
N ALA A 153 -5.50 26.38 -2.84
CA ALA A 153 -4.88 25.10 -3.19
C ALA A 153 -5.19 24.02 -2.16
N VAL A 154 -5.06 24.37 -0.88
CA VAL A 154 -5.38 23.46 0.21
C VAL A 154 -6.84 23.04 0.19
N ALA A 155 -7.76 23.99 0.00
CA ALA A 155 -9.19 23.68 -0.07
C ALA A 155 -9.54 22.73 -1.19
N PHE A 156 -8.94 22.96 -2.37
CA PHE A 156 -9.18 22.08 -3.51
C PHE A 156 -8.69 20.65 -3.23
N THR A 157 -7.47 20.56 -2.68
CA THR A 157 -6.81 19.28 -2.42
C THR A 157 -7.63 18.44 -1.44
N LYS A 158 -8.10 19.06 -0.36
CA LYS A 158 -8.95 18.40 0.62
C LYS A 158 -10.26 17.88 0.02
N ALA A 159 -10.86 18.67 -0.88
CA ALA A 159 -12.11 18.29 -1.51
C ALA A 159 -11.89 17.15 -2.48
N LEU A 160 -10.72 17.14 -3.12
CA LEU A 160 -10.37 16.01 -3.99
C LEU A 160 -10.23 14.71 -3.20
N ILE A 161 -9.47 14.77 -2.10
N ILE A 161 -9.49 14.77 -2.09
CA ILE A 161 -9.35 13.63 -1.17
CA ILE A 161 -9.35 13.62 -1.19
C ILE A 161 -10.72 13.16 -0.71
C ILE A 161 -10.69 13.16 -0.59
N ASP A 162 -11.58 14.11 -0.29
CA ASP A 162 -12.95 13.81 0.12
C ASP A 162 -13.72 13.04 -0.96
N LYS A 163 -13.64 13.51 -2.19
CA LYS A 163 -14.30 12.89 -3.34
C LYS A 163 -13.82 11.44 -3.52
N TYR A 164 -12.52 11.21 -3.42
CA TYR A 164 -11.97 9.85 -3.52
C TYR A 164 -12.41 8.99 -2.34
N ALA A 165 -12.34 9.54 -1.14
CA ALA A 165 -12.72 8.77 0.05
C ALA A 165 -14.20 8.37 0.03
N ALA A 166 -15.05 9.26 -0.51
CA ALA A 166 -16.47 8.98 -0.67
C ALA A 166 -16.69 7.77 -1.56
N TYR A 167 -15.87 7.66 -2.61
CA TYR A 167 -15.94 6.50 -3.50
C TYR A 167 -15.49 5.21 -2.81
N PHE A 168 -14.39 5.28 -2.05
CA PHE A 168 -13.83 4.08 -1.42
C PHE A 168 -14.63 3.61 -0.19
N ALA A 169 -15.51 4.48 0.33
CA ALA A 169 -16.37 4.12 1.45
C ALA A 169 -17.10 2.80 1.18
N LYS A 170 -17.20 1.98 2.23
N LYS A 170 -17.23 1.95 2.19
CA LYS A 170 -17.84 0.66 2.22
CA LYS A 170 -18.00 0.67 2.09
C LYS A 170 -17.03 -0.43 1.51
C LYS A 170 -17.41 -0.41 1.14
N LYS A 171 -16.35 -0.08 0.43
CA LYS A 171 -15.65 -1.08 -0.40
C LYS A 171 -14.19 -1.33 0.04
N THR A 172 -13.72 -0.50 0.96
CA THR A 172 -12.38 -0.63 1.54
C THR A 172 -12.45 -0.31 3.03
N GLU A 173 -11.35 -0.46 3.75
CA GLU A 173 -11.34 -0.18 5.19
C GLU A 173 -10.34 0.89 5.60
N ILE A 174 -9.25 1.01 4.84
CA ILE A 174 -8.17 1.94 5.16
C ILE A 174 -7.91 2.84 3.95
N PHE A 175 -7.63 4.11 4.21
CA PHE A 175 -7.29 5.03 3.15
C PHE A 175 -5.98 5.72 3.55
N ASN A 176 -4.94 5.54 2.75
CA ASN A 176 -3.63 6.14 3.03
C ASN A 176 -3.56 7.55 2.46
N ILE A 177 -3.46 8.53 3.38
CA ILE A 177 -3.32 9.95 2.99
C ILE A 177 -1.85 10.34 2.76
N GLY A 178 -0.92 9.44 3.03
CA GLY A 178 0.50 9.63 2.67
C GLY A 178 1.29 10.47 3.65
N LEU A 179 1.39 11.78 3.37
CA LEU A 179 2.00 12.78 4.26
C LEU A 179 3.54 12.71 4.30
N ASP A 180 4.14 11.90 3.44
CA ASP A 180 5.59 11.71 3.47
C ASP A 180 6.39 12.76 2.70
N GLU A 181 7.61 12.97 3.17
CA GLU A 181 8.66 13.63 2.38
C GLU A 181 8.29 15.02 1.86
N TYR A 182 7.82 15.88 2.77
CA TYR A 182 7.40 17.24 2.44
C TYR A 182 8.49 18.01 1.69
N ALA A 183 8.17 18.50 0.50
CA ALA A 183 9.09 19.32 -0.31
C ALA A 183 10.51 18.76 -0.39
N ASN A 184 10.63 17.45 -0.54
CA ASN A 184 11.96 16.82 -0.59
C ASN A 184 12.84 17.30 -1.76
N ASP A 185 12.20 17.66 -2.88
CA ASP A 185 12.96 18.20 -4.01
C ASP A 185 13.51 19.59 -3.72
N ALA A 186 12.65 20.48 -3.27
CA ALA A 186 13.00 21.90 -3.08
C ALA A 186 13.91 22.17 -1.86
N THR A 187 13.90 21.27 -0.88
CA THR A 187 14.66 21.46 0.36
C THR A 187 15.82 20.49 0.50
N ASP A 188 16.07 19.69 -0.55
CA ASP A 188 17.06 18.62 -0.53
C ASP A 188 16.81 17.66 0.65
N ALA A 189 15.57 17.17 0.74
CA ALA A 189 15.13 16.20 1.76
C ALA A 189 15.31 16.71 3.20
N LYS A 190 14.96 17.97 3.43
CA LYS A 190 14.99 18.54 4.78
C LYS A 190 13.68 19.30 5.08
N GLY A 191 12.58 18.84 4.48
CA GLY A 191 11.32 19.59 4.52
C GLY A 191 10.68 19.74 5.88
N TRP A 192 10.81 18.71 6.72
CA TRP A 192 10.22 18.76 8.06
C TRP A 192 10.97 19.74 8.94
N SER A 193 12.31 19.73 8.85
N SER A 193 12.30 19.74 8.85
CA SER A 193 13.17 20.70 9.53
CA SER A 193 13.06 20.69 9.62
C SER A 193 12.79 22.11 9.10
C SER A 193 12.83 22.12 9.10
N VAL A 194 12.60 22.29 7.79
CA VAL A 194 12.17 23.58 7.25
C VAL A 194 10.83 24.05 7.84
N LEU A 195 9.85 23.16 7.90
CA LEU A 195 8.52 23.52 8.44
C LEU A 195 8.55 23.88 9.92
N GLN A 196 9.49 23.28 10.65
CA GLN A 196 9.64 23.48 12.10
C GLN A 196 10.56 24.66 12.43
N ALA A 197 11.36 25.09 11.46
CA ALA A 197 12.50 25.99 11.71
C ALA A 197 12.15 27.37 12.26
N ASP A 198 11.09 27.98 11.76
CA ASP A 198 10.75 29.35 12.19
C ASP A 198 10.45 29.47 13.69
N LYS A 199 9.94 28.39 14.29
CA LYS A 199 9.67 28.40 15.73
C LYS A 199 10.96 28.61 16.54
N TYR A 200 12.06 28.03 16.06
CA TYR A 200 13.31 28.02 16.81
C TYR A 200 14.35 28.97 16.26
N TYR A 201 14.17 29.35 15.00
CA TYR A 201 15.07 30.25 14.30
C TYR A 201 14.23 31.32 13.63
N PRO A 202 13.56 32.18 14.43
CA PRO A 202 12.70 33.23 13.88
C PRO A 202 13.47 34.27 13.09
N ASN A 203 12.76 35.04 12.29
CA ASN A 203 13.32 36.15 11.49
C ASN A 203 14.44 35.73 10.52
N GLU A 204 14.35 34.48 10.04
CA GLU A 204 15.30 33.97 9.06
C GLU A 204 14.64 33.55 7.76
N GLY A 205 13.34 33.86 7.63
CA GLY A 205 12.64 33.61 6.36
C GLY A 205 12.06 32.21 6.20
N TYR A 206 12.09 31.43 7.27
CA TYR A 206 11.47 30.10 7.26
C TYR A 206 9.95 30.21 7.32
N PRO A 207 9.23 29.19 6.80
CA PRO A 207 7.76 29.24 6.76
C PRO A 207 7.13 29.42 8.14
N VAL A 208 6.44 30.55 8.31
CA VAL A 208 5.81 30.88 9.59
C VAL A 208 4.66 29.91 9.87
N LYS A 209 4.73 29.28 11.05
CA LYS A 209 3.75 28.27 11.47
C LYS A 209 3.69 27.07 10.53
N GLY A 210 4.79 26.81 9.81
CA GLY A 210 4.82 25.76 8.81
C GLY A 210 4.38 24.39 9.32
N TYR A 211 5.03 23.93 10.39
CA TYR A 211 4.74 22.59 10.89
C TYR A 211 3.39 22.56 11.59
N GLU A 212 3.05 23.65 12.27
CA GLU A 212 1.75 23.77 12.90
C GLU A 212 0.62 23.61 11.88
N LYS A 213 0.80 24.23 10.71
CA LYS A 213 -0.20 24.11 9.65
C LYS A 213 -0.25 22.69 9.08
N PHE A 214 0.90 22.03 9.02
CA PHE A 214 0.94 20.64 8.56
C PHE A 214 0.15 19.73 9.48
N ILE A 215 0.32 19.92 10.79
CA ILE A 215 -0.47 19.14 11.76
C ILE A 215 -1.98 19.34 11.54
N ALA A 216 -2.40 20.61 11.38
CA ALA A 216 -3.83 20.92 11.13
C ALA A 216 -4.30 20.27 9.84
N TYR A 217 -3.44 20.33 8.82
CA TYR A 217 -3.73 19.72 7.53
C TYR A 217 -3.94 18.21 7.65
N ALA A 218 -2.95 17.54 8.26
CA ALA A 218 -3.01 16.07 8.45
C ALA A 218 -4.27 15.69 9.22
N ASN A 219 -4.55 16.44 10.28
CA ASN A 219 -5.72 16.17 11.10
C ASN A 219 -7.05 16.38 10.38
N ASP A 220 -7.11 17.38 9.51
CA ASP A 220 -8.32 17.63 8.72
C ASP A 220 -8.53 16.50 7.72
N LEU A 221 -7.45 16.01 7.11
CA LEU A 221 -7.59 14.86 6.21
C LEU A 221 -8.06 13.62 6.97
N ALA A 222 -7.51 13.42 8.17
CA ALA A 222 -7.94 12.30 9.03
C ALA A 222 -9.43 12.40 9.32
N ARG A 223 -9.89 13.61 9.61
CA ARG A 223 -11.31 13.85 9.88
C ARG A 223 -12.16 13.50 8.67
N ILE A 224 -11.74 13.99 7.50
CA ILE A 224 -12.42 13.72 6.25
C ILE A 224 -12.51 12.22 5.97
N VAL A 225 -11.39 11.52 6.12
CA VAL A 225 -11.35 10.07 5.87
C VAL A 225 -12.26 9.30 6.85
N LYS A 226 -12.18 9.66 8.12
CA LYS A 226 -13.01 9.03 9.15
C LYS A 226 -14.51 9.25 8.93
N SER A 227 -14.87 10.41 8.38
CA SER A 227 -16.29 10.72 8.10
C SER A 227 -16.91 9.68 7.16
N HIS A 228 -16.06 9.07 6.32
CA HIS A 228 -16.48 8.03 5.39
C HIS A 228 -16.34 6.61 5.94
N GLY A 229 -16.14 6.50 7.24
CA GLY A 229 -15.98 5.19 7.90
C GLY A 229 -14.68 4.47 7.57
N LEU A 230 -13.73 5.20 7.02
CA LEU A 230 -12.44 4.63 6.67
C LEU A 230 -11.41 5.02 7.74
N LYS A 231 -10.46 4.12 7.97
N LYS A 231 -10.45 4.13 7.97
CA LYS A 231 -9.32 4.38 8.85
CA LYS A 231 -9.34 4.39 8.87
C LYS A 231 -8.23 5.10 8.08
C LYS A 231 -8.20 5.08 8.12
N PRO A 232 -7.83 6.31 8.52
CA PRO A 232 -6.75 7.00 7.81
C PRO A 232 -5.40 6.39 8.17
N MET A 233 -4.52 6.28 7.17
CA MET A 233 -3.14 5.82 7.36
C MET A 233 -2.21 6.88 6.78
N ALA A 234 -1.01 6.98 7.36
CA ALA A 234 0.01 7.86 6.80
C ALA A 234 1.40 7.35 7.11
N PHE A 235 2.35 7.71 6.24
CA PHE A 235 3.74 7.39 6.42
C PHE A 235 4.30 8.18 7.60
N ASN A 236 5.33 7.61 8.26
CA ASN A 236 5.78 8.08 9.58
C ASN A 236 6.61 9.36 9.64
N ASP A 237 7.36 9.64 8.58
CA ASP A 237 8.49 10.57 8.68
C ASP A 237 8.14 11.96 9.17
N GLY A 238 6.97 12.48 8.78
CA GLY A 238 6.52 13.79 9.26
C GLY A 238 5.71 13.84 10.54
N ILE A 239 5.47 12.68 11.14
N ILE A 239 5.48 12.67 11.14
CA ILE A 239 4.63 12.61 12.33
CA ILE A 239 4.66 12.57 12.34
C ILE A 239 5.51 12.73 13.57
C ILE A 239 5.54 12.74 13.57
N TYR A 240 5.35 13.84 14.29
CA TYR A 240 6.26 14.22 15.39
C TYR A 240 7.72 14.20 14.94
N TYR A 241 8.00 14.84 13.80
CA TYR A 241 9.37 14.91 13.33
C TYR A 241 10.26 15.50 14.42
N ASN A 242 11.48 14.97 14.52
CA ASN A 242 12.45 15.33 15.55
C ASN A 242 11.90 15.09 16.97
N SER A 243 10.93 14.18 17.07
CA SER A 243 10.29 13.81 18.34
C SER A 243 9.65 15.02 19.03
N ASP A 244 9.33 16.04 18.23
CA ASP A 244 8.86 17.32 18.75
C ASP A 244 7.34 17.31 18.86
N THR A 245 6.85 17.34 20.10
CA THR A 245 5.42 17.32 20.40
C THR A 245 4.88 18.73 20.71
N SER A 246 5.73 19.75 20.56
CA SER A 246 5.37 21.09 21.02
C SER A 246 4.55 21.92 20.02
N PHE A 247 4.43 21.44 18.78
CA PHE A 247 3.69 22.15 17.73
C PHE A 247 2.20 21.82 17.74
N GLY A 248 1.82 20.74 18.43
CA GLY A 248 0.47 20.23 18.38
C GLY A 248 0.46 18.71 18.34
N SER A 249 -0.72 18.12 18.27
CA SER A 249 -0.86 16.67 18.32
C SER A 249 -1.56 16.14 17.08
N PHE A 250 -1.11 14.96 16.65
CA PHE A 250 -1.70 14.27 15.51
C PHE A 250 -2.88 13.41 15.97
N ASP A 251 -3.89 13.32 15.11
CA ASP A 251 -5.06 12.46 15.33
C ASP A 251 -4.61 10.99 15.56
N LYS A 252 -4.96 10.45 16.74
CA LYS A 252 -4.55 9.11 17.15
C LYS A 252 -5.11 8.03 16.24
N ASP A 253 -6.19 8.35 15.53
CA ASP A 253 -6.82 7.37 14.64
C ASP A 253 -6.04 7.16 13.36
N ILE A 254 -5.00 7.98 13.13
CA ILE A 254 -4.11 7.75 11.99
C ILE A 254 -3.22 6.54 12.27
N ILE A 255 -3.37 5.51 11.46
CA ILE A 255 -2.48 4.35 11.46
C ILE A 255 -1.17 4.82 10.85
N VAL A 256 -0.06 4.42 11.46
CA VAL A 256 1.25 4.86 10.97
C VAL A 256 1.88 3.76 10.12
N SER A 257 2.15 4.07 8.86
CA SER A 257 2.98 3.20 8.01
C SER A 257 4.44 3.59 8.29
N MET A 258 5.11 2.73 9.05
CA MET A 258 6.49 2.99 9.50
C MET A 258 7.47 2.42 8.50
N TRP A 259 7.96 3.30 7.63
CA TRP A 259 8.81 2.92 6.51
C TRP A 259 10.28 3.28 6.69
N THR A 260 10.56 4.31 7.48
CA THR A 260 11.96 4.77 7.68
C THR A 260 12.32 5.02 9.13
N GLY A 261 13.56 4.65 9.50
CA GLY A 261 14.12 5.03 10.80
C GLY A 261 14.87 6.36 10.71
N GLY A 262 14.80 7.00 9.55
CA GLY A 262 15.49 8.26 9.32
C GLY A 262 16.93 8.05 8.87
N TRP A 263 17.65 9.15 8.73
CA TRP A 263 19.03 9.14 8.28
C TRP A 263 19.76 10.38 8.79
N GLY A 264 21.03 10.56 8.39
CA GLY A 264 21.84 11.67 8.90
C GLY A 264 21.16 13.00 8.70
N GLY A 265 20.83 13.68 9.80
CA GLY A 265 20.13 14.96 9.75
C GLY A 265 18.66 14.88 9.39
N TYR A 266 18.11 13.67 9.33
CA TYR A 266 16.68 13.49 9.09
C TYR A 266 16.16 12.64 10.24
N ASP A 267 15.78 13.33 11.31
CA ASP A 267 15.56 12.73 12.60
C ASP A 267 14.08 12.52 12.85
N VAL A 268 13.61 11.30 12.61
CA VAL A 268 12.19 10.99 12.72
C VAL A 268 11.85 10.54 14.14
N ALA A 269 10.57 10.62 14.50
CA ALA A 269 10.10 10.08 15.77
C ALA A 269 10.32 8.57 15.78
N SER A 270 10.68 8.01 16.93
CA SER A 270 10.82 6.55 17.02
C SER A 270 9.45 5.89 16.94
N SER A 271 9.41 4.61 16.57
CA SER A 271 8.15 3.85 16.60
C SER A 271 7.64 3.71 18.04
N LYS A 272 8.57 3.72 18.99
N LYS A 272 8.58 3.71 19.00
CA LYS A 272 8.25 3.71 20.43
CA LYS A 272 8.27 3.70 20.42
C LYS A 272 7.41 4.93 20.80
C LYS A 272 7.42 4.91 20.81
N LEU A 273 7.88 6.12 20.43
N LEU A 273 7.87 6.10 20.42
CA LEU A 273 7.13 7.35 20.65
CA LEU A 273 7.13 7.34 20.66
C LEU A 273 5.74 7.29 20.02
C LEU A 273 5.74 7.31 20.02
N LEU A 274 5.68 6.89 18.76
CA LEU A 274 4.40 6.82 18.04
C LEU A 274 3.41 5.85 18.70
N ALA A 275 3.89 4.67 19.09
CA ALA A 275 3.04 3.74 19.85
C ALA A 275 2.54 4.37 21.15
N GLU A 276 3.45 5.01 21.88
CA GLU A 276 3.10 5.66 23.17
C GLU A 276 2.10 6.79 23.04
N LYS A 277 2.12 7.47 21.89
CA LYS A 277 1.13 8.50 21.58
C LYS A 277 -0.25 7.94 21.20
N GLY A 278 -0.33 6.63 20.99
CA GLY A 278 -1.61 5.96 20.73
C GLY A 278 -1.84 5.50 19.30
N HIS A 279 -0.80 5.51 18.48
CA HIS A 279 -0.93 5.08 17.07
C HIS A 279 -0.67 3.61 16.88
N GLN A 280 -1.55 2.96 16.13
CA GLN A 280 -1.29 1.62 15.60
C GLN A 280 -0.26 1.75 14.48
N ILE A 281 0.57 0.72 14.35
CA ILE A 281 1.69 0.75 13.40
C ILE A 281 1.64 -0.40 12.40
N LEU A 282 1.71 -0.05 11.12
CA LEU A 282 1.90 -1.01 10.03
C LEU A 282 3.39 -1.02 9.67
N ASN A 283 4.07 -2.14 9.91
CA ASN A 283 5.50 -2.21 9.60
C ASN A 283 5.76 -2.20 8.09
N THR A 284 6.35 -1.11 7.61
CA THR A 284 6.53 -0.89 6.17
C THR A 284 8.02 -0.69 5.88
N ASN A 285 8.83 -1.42 6.65
CA ASN A 285 10.28 -1.27 6.67
C ASN A 285 10.87 -1.16 5.26
N ASP A 286 11.56 -0.06 4.98
CA ASP A 286 12.20 0.11 3.67
C ASP A 286 13.37 -0.85 3.44
N ALA A 287 13.70 -1.67 4.44
CA ALA A 287 14.62 -2.78 4.23
C ALA A 287 14.15 -3.65 3.06
N TRP A 288 12.82 -3.72 2.86
CA TRP A 288 12.22 -4.63 1.86
C TRP A 288 11.83 -3.94 0.52
N TYR A 289 12.13 -2.65 0.41
CA TYR A 289 11.79 -1.89 -0.79
C TYR A 289 12.48 -2.38 -2.08
N TYR A 290 11.74 -2.25 -3.17
CA TYR A 290 12.25 -2.53 -4.52
C TYR A 290 11.81 -1.43 -5.47
N VAL A 291 12.77 -0.77 -6.11
CA VAL A 291 12.44 0.21 -7.16
C VAL A 291 12.58 -0.47 -8.52
N LEU A 292 11.49 -0.50 -9.29
N LEU A 292 11.50 -0.50 -9.30
CA LEU A 292 11.51 -1.12 -10.64
CA LEU A 292 11.50 -1.15 -10.63
C LEU A 292 12.70 -0.66 -11.48
C LEU A 292 12.66 -0.67 -11.51
N GLY A 293 13.32 -1.61 -12.17
CA GLY A 293 14.45 -1.30 -13.06
C GLY A 293 15.80 -1.44 -12.36
N ARG A 294 15.80 -1.31 -11.04
CA ARG A 294 17.02 -1.50 -10.25
C ARG A 294 16.99 -2.95 -9.80
N ASN A 295 17.53 -3.79 -10.68
CA ASN A 295 17.21 -5.19 -10.67
C ASN A 295 18.28 -6.10 -10.11
N ALA A 296 19.42 -5.52 -9.73
CA ALA A 296 20.52 -6.30 -9.15
C ALA A 296 21.49 -5.41 -8.38
N ASP A 297 22.42 -6.06 -7.68
CA ASP A 297 23.43 -5.35 -6.89
C ASP A 297 24.15 -4.31 -7.74
N GLY A 298 24.36 -3.12 -7.16
CA GLY A 298 25.05 -2.05 -7.87
C GLY A 298 24.14 -1.13 -8.68
N GLN A 299 22.90 -1.53 -8.91
CA GLN A 299 21.99 -0.76 -9.77
C GLN A 299 21.25 0.35 -9.04
N GLY A 300 21.61 0.57 -7.77
CA GLY A 300 21.12 1.74 -7.03
C GLY A 300 20.37 1.38 -5.76
N TRP A 301 19.91 2.41 -5.04
CA TRP A 301 19.23 2.20 -3.77
C TRP A 301 17.86 1.55 -3.98
N TYR A 302 17.53 0.62 -3.08
CA TYR A 302 16.33 -0.23 -3.18
C TYR A 302 16.37 -1.11 -4.43
N ASN A 303 17.57 -1.56 -4.83
CA ASN A 303 17.63 -2.55 -5.91
C ASN A 303 17.10 -3.88 -5.41
N LEU A 304 16.74 -4.75 -6.34
CA LEU A 304 16.06 -6.00 -6.00
C LEU A 304 16.90 -6.89 -5.09
N ASP A 305 18.22 -6.98 -5.33
CA ASP A 305 19.09 -7.79 -4.47
C ASP A 305 19.15 -7.22 -3.05
N GLN A 306 19.17 -5.90 -2.95
CA GLN A 306 19.12 -5.20 -1.66
C GLN A 306 17.82 -5.55 -0.93
N GLY A 307 16.70 -5.46 -1.64
CA GLY A 307 15.39 -5.77 -1.06
C GLY A 307 15.27 -7.21 -0.61
N LEU A 308 15.78 -8.13 -1.44
CA LEU A 308 15.80 -9.54 -1.07
C LEU A 308 16.72 -9.80 0.15
N ASN A 309 17.85 -9.09 0.22
CA ASN A 309 18.70 -9.13 1.42
C ASN A 309 17.97 -8.59 2.65
N GLY A 310 17.26 -7.47 2.49
CA GLY A 310 16.46 -6.90 3.59
C GLY A 310 15.41 -7.88 4.08
N ILE A 311 14.77 -8.57 3.13
CA ILE A 311 13.78 -9.59 3.49
C ILE A 311 14.40 -10.76 4.27
N LYS A 312 15.59 -11.21 3.86
CA LYS A 312 16.31 -12.29 4.56
C LYS A 312 16.77 -11.90 5.98
N ASN A 313 17.08 -10.63 6.18
CA ASN A 313 17.76 -10.18 7.40
C ASN A 313 16.93 -9.36 8.37
N THR A 314 15.77 -8.89 7.90
CA THR A 314 14.90 -8.04 8.71
C THR A 314 13.50 -8.64 8.74
N PRO A 315 13.15 -9.39 9.80
CA PRO A 315 11.84 -10.06 9.82
C PRO A 315 10.68 -9.06 9.89
N ILE A 316 9.48 -9.58 9.65
CA ILE A 316 8.24 -8.79 9.65
C ILE A 316 8.00 -8.04 10.97
N THR A 317 8.58 -8.55 12.04
CA THR A 317 8.42 -7.98 13.39
C THR A 317 9.42 -6.87 13.73
N SER A 318 10.41 -6.66 12.87
N SER A 318 10.42 -6.67 12.87
CA SER A 318 11.47 -5.66 13.08
CA SER A 318 11.46 -5.66 13.09
C SER A 318 11.05 -4.31 12.50
C SER A 318 11.02 -4.32 12.49
N VAL A 319 10.58 -3.40 13.36
CA VAL A 319 10.05 -2.11 12.96
C VAL A 319 11.17 -1.07 13.01
N PRO A 320 11.17 -0.09 12.08
CA PRO A 320 12.17 0.97 12.15
C PRO A 320 12.21 1.71 13.49
N LYS A 321 13.42 2.01 13.95
CA LYS A 321 13.68 2.90 15.09
C LYS A 321 12.84 2.60 16.34
N THR A 322 13.10 1.45 16.96
CA THR A 322 12.31 1.01 18.13
C THR A 322 12.79 1.57 19.46
N GLU A 323 14.00 2.13 19.47
CA GLU A 323 14.71 2.50 20.71
C GLU A 323 14.90 1.28 21.61
N GLY A 324 14.91 0.09 21.01
CA GLY A 324 15.07 -1.15 21.76
C GLY A 324 13.78 -1.63 22.42
N ALA A 325 12.68 -0.93 22.20
CA ALA A 325 11.40 -1.31 22.80
C ALA A 325 10.68 -2.38 21.98
N ASP A 326 9.72 -3.03 22.62
N ASP A 326 9.70 -3.00 22.60
CA ASP A 326 8.84 -3.99 21.95
CA ASP A 326 8.87 -4.01 21.94
C ASP A 326 7.71 -3.23 21.28
C ASP A 326 7.67 -3.33 21.28
N ILE A 327 7.71 -3.24 19.95
CA ILE A 327 6.71 -2.49 19.17
C ILE A 327 5.67 -3.41 18.56
N PRO A 328 4.41 -3.28 19.00
CA PRO A 328 3.36 -4.10 18.41
C PRO A 328 3.08 -3.62 16.99
N ILE A 329 2.57 -4.53 16.15
CA ILE A 329 2.28 -4.19 14.76
C ILE A 329 0.93 -4.73 14.34
N ILE A 330 0.30 -4.07 13.38
CA ILE A 330 -0.96 -4.59 12.83
C ILE A 330 -0.65 -5.55 11.66
N GLY A 331 0.62 -5.57 11.26
CA GLY A 331 1.09 -6.37 10.13
C GLY A 331 2.31 -5.78 9.47
N GLY A 332 2.65 -6.31 8.30
CA GLY A 332 3.82 -5.89 7.55
C GLY A 332 3.47 -5.63 6.10
N MET A 333 4.23 -4.74 5.48
CA MET A 333 4.00 -4.35 4.10
C MET A 333 5.31 -4.25 3.34
N VAL A 334 5.42 -5.06 2.30
CA VAL A 334 6.53 -5.03 1.36
C VAL A 334 6.11 -4.16 0.15
N ALA A 335 6.98 -3.25 -0.27
CA ALA A 335 6.59 -2.22 -1.23
C ALA A 335 7.48 -2.15 -2.47
N ALA A 336 6.84 -2.13 -3.64
CA ALA A 336 7.52 -1.90 -4.91
C ALA A 336 7.18 -0.52 -5.44
N TRP A 337 8.21 0.19 -5.91
CA TRP A 337 8.12 1.59 -6.26
C TRP A 337 8.55 1.84 -7.70
N ALA A 338 8.06 2.94 -8.28
CA ALA A 338 8.35 3.28 -9.68
C ALA A 338 8.99 4.67 -9.80
N ASP A 339 9.95 4.95 -8.91
CA ASP A 339 10.72 6.21 -8.93
C ASP A 339 11.15 6.64 -10.33
N THR A 340 11.55 5.68 -11.15
CA THR A 340 11.85 5.89 -12.57
C THR A 340 10.73 5.14 -13.32
N PRO A 341 9.60 5.82 -13.57
CA PRO A 341 8.42 5.08 -14.05
C PRO A 341 8.55 4.56 -15.50
N SER A 342 9.55 5.04 -16.24
CA SER A 342 9.83 4.49 -17.57
C SER A 342 10.53 3.13 -17.51
N ALA A 343 10.95 2.70 -16.31
CA ALA A 343 11.53 1.37 -16.14
C ALA A 343 10.50 0.31 -16.49
N ARG A 344 10.97 -0.82 -17.02
N ARG A 344 10.98 -0.81 -17.02
CA ARG A 344 10.08 -1.89 -17.38
CA ARG A 344 10.11 -1.93 -17.37
C ARG A 344 9.61 -2.64 -16.13
C ARG A 344 9.61 -2.64 -16.11
N TYR A 345 8.30 -2.80 -16.00
CA TYR A 345 7.72 -3.59 -14.93
C TYR A 345 7.92 -5.06 -15.26
N SER A 346 8.56 -5.77 -14.33
CA SER A 346 8.82 -7.19 -14.46
C SER A 346 8.03 -7.97 -13.42
N PRO A 347 6.93 -8.62 -13.84
CA PRO A 347 6.13 -9.42 -12.90
C PRO A 347 6.94 -10.45 -12.11
N SER A 348 7.80 -11.21 -12.80
CA SER A 348 8.58 -12.26 -12.12
C SER A 348 9.45 -11.70 -10.98
N ARG A 349 10.02 -10.52 -11.20
CA ARG A 349 10.86 -9.87 -10.19
C ARG A 349 10.05 -9.43 -8.99
N LEU A 350 8.88 -8.84 -9.25
CA LEU A 350 7.94 -8.48 -8.18
C LEU A 350 7.48 -9.74 -7.44
N PHE A 351 7.13 -10.77 -8.19
CA PHE A 351 6.65 -12.00 -7.54
C PHE A 351 7.73 -12.69 -6.73
N LYS A 352 8.99 -12.60 -7.19
CA LYS A 352 10.11 -13.10 -6.39
C LYS A 352 10.20 -12.36 -5.05
N LEU A 353 10.15 -11.03 -5.13
CA LEU A 353 10.14 -10.21 -3.92
C LEU A 353 9.00 -10.64 -2.98
N MET A 354 7.79 -10.76 -3.52
CA MET A 354 6.62 -11.16 -2.74
C MET A 354 6.77 -12.55 -2.12
N ARG A 355 7.29 -13.47 -2.92
CA ARG A 355 7.48 -14.85 -2.50
C ARG A 355 8.50 -14.92 -1.35
N HIS A 356 9.59 -14.17 -1.48
CA HIS A 356 10.64 -14.18 -0.46
C HIS A 356 10.14 -13.62 0.88
N PHE A 357 9.37 -12.53 0.81
CA PHE A 357 8.79 -11.92 2.02
C PHE A 357 7.86 -12.93 2.74
N ALA A 358 7.08 -13.68 1.96
CA ALA A 358 6.19 -14.71 2.52
C ALA A 358 6.95 -15.90 3.11
N ASN A 359 7.97 -16.37 2.40
CA ASN A 359 8.81 -17.48 2.88
C ASN A 359 9.66 -17.11 4.09
N ALA A 360 10.17 -15.88 4.14
CA ALA A 360 11.03 -15.47 5.24
C ALA A 360 10.24 -15.34 6.54
N ASN A 361 8.92 -15.17 6.39
CA ASN A 361 8.01 -14.92 7.51
C ASN A 361 6.84 -15.91 7.51
N ALA A 362 7.16 -17.18 7.26
CA ALA A 362 6.20 -18.20 6.87
C ALA A 362 5.09 -18.44 7.89
N GLU A 363 5.41 -18.34 9.17
CA GLU A 363 4.41 -18.48 10.22
C GLU A 363 3.31 -17.39 10.17
N TYR A 364 3.60 -16.26 9.52
CA TYR A 364 2.65 -15.15 9.42
C TYR A 364 1.71 -15.24 8.23
N PHE A 365 2.15 -15.94 7.19
CA PHE A 365 1.41 -15.97 5.92
C PHE A 365 0.53 -17.21 5.83
N ALA A 366 -0.70 -17.00 5.38
CA ALA A 366 -1.65 -18.10 5.22
C ALA A 366 -1.13 -19.15 4.22
N ALA A 367 -1.43 -20.41 4.51
CA ALA A 367 -1.12 -21.51 3.61
C ALA A 367 -2.00 -21.45 2.37
N ASP A 368 -1.61 -22.21 1.34
CA ASP A 368 -2.35 -22.27 0.08
C ASP A 368 -3.24 -23.52 0.04
N TYR A 369 -4.55 -23.31 -0.01
CA TYR A 369 -5.50 -24.42 -0.08
C TYR A 369 -6.10 -24.62 -1.48
N GLU A 370 -5.72 -23.74 -2.41
N GLU A 370 -5.75 -23.76 -2.43
CA GLU A 370 -6.24 -23.72 -3.79
CA GLU A 370 -6.37 -23.79 -3.76
C GLU A 370 -6.17 -25.10 -4.47
C GLU A 370 -6.19 -25.15 -4.47
N SER A 371 -4.99 -25.71 -4.43
CA SER A 371 -4.74 -27.03 -5.02
C SER A 371 -5.43 -28.17 -4.27
N ALA A 372 -5.60 -28.03 -2.96
CA ALA A 372 -6.37 -29.01 -2.19
C ALA A 372 -7.84 -29.00 -2.61
N GLU A 373 -8.37 -27.79 -2.78
N GLU A 373 -8.39 -27.80 -2.78
CA GLU A 373 -9.74 -27.58 -3.26
CA GLU A 373 -9.76 -27.62 -3.25
C GLU A 373 -9.92 -28.20 -4.64
C GLU A 373 -9.93 -28.20 -4.65
N GLN A 374 -8.98 -27.91 -5.53
CA GLN A 374 -8.99 -28.46 -6.89
C GLN A 374 -8.94 -29.99 -6.88
N ALA A 375 -8.04 -30.54 -6.07
CA ALA A 375 -7.91 -32.01 -5.94
C ALA A 375 -9.21 -32.66 -5.50
N LEU A 376 -9.91 -32.02 -4.57
CA LEU A 376 -11.21 -32.53 -4.13
C LEU A 376 -12.24 -32.50 -5.26
N ASN A 377 -12.21 -31.46 -6.08
CA ASN A 377 -13.10 -31.33 -7.24
C ASN A 377 -12.83 -32.38 -8.32
N GLU A 378 -11.60 -32.91 -8.33
CA GLU A 378 -11.17 -33.87 -9.33
C GLU A 378 -11.36 -35.34 -8.93
N VAL A 379 -11.84 -35.59 -7.72
CA VAL A 379 -12.14 -36.95 -7.26
C VAL A 379 -13.37 -37.48 -8.04
N PRO A 380 -13.32 -38.75 -8.51
CA PRO A 380 -14.52 -39.25 -9.18
C PRO A 380 -15.69 -39.26 -8.20
N LYS A 381 -16.84 -38.76 -8.64
N LYS A 381 -16.82 -38.73 -8.64
CA LYS A 381 -18.00 -38.58 -7.74
CA LYS A 381 -18.01 -38.60 -7.79
C LYS A 381 -18.69 -39.89 -7.33
C LYS A 381 -18.53 -39.94 -7.30
N ASP A 382 -18.71 -40.87 -8.24
CA ASP A 382 -19.35 -42.17 -7.98
C ASP A 382 -18.30 -43.29 -7.89
N LEU A 383 -18.29 -43.99 -6.76
CA LEU A 383 -17.24 -44.98 -6.51
C LEU A 383 -17.78 -46.43 -6.49
N ASN A 384 -19.08 -46.59 -6.78
CA ASN A 384 -19.72 -47.92 -6.70
C ASN A 384 -19.03 -49.05 -7.47
N ARG A 385 -18.44 -48.74 -8.62
N ARG A 385 -18.44 -48.75 -8.62
CA ARG A 385 -17.85 -49.76 -9.48
CA ARG A 385 -17.86 -49.78 -9.47
C ARG A 385 -16.48 -50.25 -9.01
C ARG A 385 -16.49 -50.27 -9.00
N TYR A 386 -15.98 -49.69 -7.91
CA TYR A 386 -14.68 -50.07 -7.37
C TYR A 386 -14.79 -50.93 -6.12
N THR A 387 -13.71 -51.64 -5.78
CA THR A 387 -13.70 -52.55 -4.62
C THR A 387 -13.89 -51.76 -3.34
N ALA A 388 -14.54 -52.39 -2.35
CA ALA A 388 -14.78 -51.78 -1.05
C ALA A 388 -13.46 -51.25 -0.42
N GLU A 389 -12.40 -52.05 -0.50
CA GLU A 389 -11.10 -51.67 0.07
C GLU A 389 -10.53 -50.41 -0.60
N SER A 390 -10.59 -50.35 -1.93
CA SER A 390 -10.04 -49.18 -2.63
C SER A 390 -10.93 -47.94 -2.43
N VAL A 391 -12.23 -48.15 -2.27
CA VAL A 391 -13.18 -47.06 -2.00
C VAL A 391 -12.93 -46.45 -0.61
N THR A 392 -12.79 -47.32 0.39
CA THR A 392 -12.50 -46.91 1.76
C THR A 392 -11.26 -46.02 1.80
N ALA A 393 -10.20 -46.40 1.09
CA ALA A 393 -8.96 -45.61 1.08
C ALA A 393 -9.18 -44.19 0.54
N VAL A 394 -9.96 -44.08 -0.53
CA VAL A 394 -10.28 -42.75 -1.09
C VAL A 394 -11.07 -41.90 -0.10
N LYS A 395 -12.12 -42.48 0.49
CA LYS A 395 -12.97 -41.75 1.42
C LYS A 395 -12.14 -41.27 2.63
N GLU A 396 -11.23 -42.11 3.10
CA GLU A 396 -10.33 -41.72 4.20
C GLU A 396 -9.40 -40.55 3.81
N ALA A 397 -8.83 -40.63 2.61
CA ALA A 397 -7.95 -39.57 2.10
C ALA A 397 -8.69 -38.25 1.93
N GLU A 398 -9.93 -38.33 1.44
CA GLU A 398 -10.81 -37.17 1.29
C GLU A 398 -11.14 -36.54 2.66
N LYS A 399 -11.51 -37.38 3.63
CA LYS A 399 -11.75 -36.92 5.01
C LYS A 399 -10.55 -36.20 5.60
N ALA A 400 -9.36 -36.75 5.33
CA ALA A 400 -8.10 -36.21 5.87
C ALA A 400 -7.81 -34.80 5.37
N ILE A 401 -8.14 -34.53 4.12
CA ILE A 401 -8.00 -33.19 3.53
C ILE A 401 -9.04 -32.22 4.11
N ARG A 402 -10.29 -32.67 4.19
CA ARG A 402 -11.34 -31.83 4.77
C ARG A 402 -11.15 -31.62 6.28
N SER A 403 -10.35 -32.50 6.90
CA SER A 403 -9.99 -32.43 8.32
C SER A 403 -8.83 -31.47 8.61
N LEU A 404 -8.06 -31.10 7.58
CA LEU A 404 -7.00 -30.12 7.77
C LEU A 404 -7.51 -28.87 8.48
N ASP A 405 -6.72 -28.40 9.45
CA ASP A 405 -6.88 -27.07 10.03
C ASP A 405 -7.04 -26.05 8.90
N SER A 406 -8.08 -25.24 8.95
CA SER A 406 -8.34 -24.26 7.89
C SER A 406 -7.56 -22.95 8.07
N ASN A 407 -6.76 -22.89 9.15
CA ASN A 407 -5.88 -21.75 9.42
C ASN A 407 -4.41 -22.15 9.57
N LEU A 408 -3.88 -22.90 8.60
CA LEU A 408 -2.45 -23.23 8.59
C LEU A 408 -1.67 -22.09 7.93
N SER A 409 -0.40 -21.96 8.31
CA SER A 409 0.48 -20.98 7.70
C SER A 409 1.32 -21.62 6.61
N ARG A 410 2.01 -20.80 5.82
CA ARG A 410 2.98 -21.28 4.82
C ARG A 410 3.99 -22.25 5.42
N ALA A 411 4.31 -22.06 6.70
CA ALA A 411 5.28 -22.91 7.39
C ALA A 411 4.80 -24.37 7.41
N GLN A 412 3.49 -24.56 7.38
N GLN A 412 3.48 -24.55 7.35
CA GLN A 412 2.89 -25.90 7.40
CA GLN A 412 2.84 -25.86 7.41
C GLN A 412 2.34 -26.34 6.05
C GLN A 412 2.31 -26.31 6.06
N GLN A 413 2.82 -25.75 4.97
CA GLN A 413 2.34 -26.09 3.62
C GLN A 413 2.47 -27.57 3.29
N ASP A 414 3.57 -28.18 3.71
CA ASP A 414 3.81 -29.59 3.40
C ASP A 414 2.74 -30.54 3.96
N THR A 415 2.12 -30.16 5.07
CA THR A 415 1.00 -30.93 5.63
C THR A 415 -0.16 -31.02 4.61
N ILE A 416 -0.45 -29.90 3.96
CA ILE A 416 -1.51 -29.84 2.96
C ILE A 416 -1.09 -30.62 1.73
N ASP A 417 0.16 -30.40 1.31
CA ASP A 417 0.69 -31.05 0.11
C ASP A 417 0.74 -32.58 0.22
N GLN A 418 1.08 -33.08 1.40
CA GLN A 418 1.11 -34.54 1.64
C GLN A 418 -0.30 -35.11 1.56
N ALA A 419 -1.27 -34.41 2.15
CA ALA A 419 -2.69 -34.79 2.09
C ALA A 419 -3.21 -34.85 0.65
N ILE A 420 -2.78 -33.90 -0.18
CA ILE A 420 -3.13 -33.93 -1.60
C ILE A 420 -2.54 -35.17 -2.28
N ALA A 421 -1.25 -35.43 -2.03
CA ALA A 421 -0.55 -36.56 -2.63
C ALA A 421 -1.21 -37.89 -2.24
N LYS A 422 -1.62 -38.00 -0.98
CA LYS A 422 -2.28 -39.19 -0.47
C LYS A 422 -3.62 -39.40 -1.18
N LEU A 423 -4.42 -38.33 -1.32
CA LEU A 423 -5.69 -38.44 -2.06
C LEU A 423 -5.44 -38.92 -3.49
N GLN A 424 -4.48 -38.30 -4.17
CA GLN A 424 -4.15 -38.67 -5.56
C GLN A 424 -3.70 -40.12 -5.68
N GLU A 425 -2.91 -40.59 -4.73
CA GLU A 425 -2.48 -41.98 -4.69
C GLU A 425 -3.68 -42.93 -4.52
N THR A 426 -4.56 -42.62 -3.56
CA THR A 426 -5.73 -43.48 -3.33
C THR A 426 -6.65 -43.52 -4.56
N VAL A 427 -6.84 -42.38 -5.21
CA VAL A 427 -7.66 -42.34 -6.43
C VAL A 427 -7.04 -43.19 -7.54
N ASN A 428 -5.71 -43.10 -7.69
N ASN A 428 -5.71 -43.10 -7.69
CA ASN A 428 -4.99 -43.92 -8.68
CA ASN A 428 -4.96 -43.91 -8.67
C ASN A 428 -5.11 -45.41 -8.39
C ASN A 428 -4.99 -45.41 -8.37
N ASN A 429 -5.19 -45.76 -7.11
CA ASN A 429 -5.30 -47.15 -6.67
C ASN A 429 -6.72 -47.73 -6.67
N LEU A 430 -7.70 -46.92 -7.05
CA LEU A 430 -9.08 -47.42 -7.19
C LEU A 430 -9.09 -48.58 -8.18
N THR A 431 -9.70 -49.68 -7.75
CA THR A 431 -9.64 -50.94 -8.48
C THR A 431 -11.05 -51.37 -8.81
N LEU A 432 -11.32 -51.55 -10.11
CA LEU A 432 -12.61 -52.01 -10.57
C LEU A 432 -12.89 -53.41 -10.04
N THR A 433 -14.10 -53.58 -9.51
CA THR A 433 -14.55 -54.89 -9.03
C THR A 433 -14.41 -55.92 -10.15
N PRO A 434 -13.67 -57.01 -9.90
N PRO A 434 -13.76 -57.07 -9.88
CA PRO A 434 -13.55 -58.09 -10.87
CA PRO A 434 -13.55 -58.07 -10.95
C PRO A 434 -14.70 -59.07 -10.71
C PRO A 434 -14.86 -58.69 -11.44
#